data_4GGV
#
_entry.id   4GGV
#
_cell.length_a   64.410
_cell.length_b   121.139
_cell.length_c   54.731
_cell.angle_alpha   90.00
_cell.angle_beta   90.00
_cell.angle_gamma   90.00
#
_symmetry.space_group_name_H-M   'P 21 21 2'
#
loop_
_entity.id
_entity.type
_entity.pdbx_description
1 polymer 'Cytochrome P450 superfamily protein'
2 non-polymer 'PROTOPORPHYRIN IX CONTAINING FE'
3 water water
#
_entity_poly.entity_id   1
_entity_poly.type   'polypeptide(L)'
_entity_poly.pdbx_seq_one_letter_code
;MGSSHHHHHHSSGLVPRGSHMMTTVVDRWNIHPDHLWLRGQRPESPVVFDETQGVWNVYGYPEAMDILNDHDTFTSDLAH
LLPVSVDAPLLEGDMSQMDPPRHRKYRQLVSRAFTPRLVADMETRVADITRELLDAVDGKPEIEIAADLAYPLPVIVIAE
LLGVPAGDRDLFKKWADDIIEGFSGFSFLDTSGQGEQDVRDATERLRPLLDYMAGHVTERRRTPREDLLTHLVQAEVDGE
RLTDNEIVNVANILLVTGHITTTMTLGNTVLCLDADPEVAAKVRADRSLVPGAIEEALRVLSPSAALARGTSREVEVAGT
VIPKDQIVMLWLGAGNRDPRQFTDPEVYDPTRDPNPHFGFGRGIHFCLGAPLARLEGRVALNALFDRFPVLRTDPAKPPT
FFPTPDMIGVNTLHLRTS
;
_entity_poly.pdbx_strand_id   A
#
# COMPACT_ATOMS: atom_id res chain seq x y z
N THR A 23 20.20 -17.22 -7.48
CA THR A 23 19.95 -15.90 -8.06
C THR A 23 18.59 -15.36 -7.61
N THR A 24 18.61 -14.28 -6.84
CA THR A 24 17.40 -13.67 -6.29
C THR A 24 16.56 -12.99 -7.37
N VAL A 25 15.30 -12.71 -7.04
CA VAL A 25 14.39 -11.99 -7.94
C VAL A 25 14.92 -10.60 -8.27
N VAL A 26 15.68 -10.01 -7.34
CA VAL A 26 16.25 -8.68 -7.52
C VAL A 26 17.30 -8.70 -8.62
N ASP A 27 18.27 -9.60 -8.49
CA ASP A 27 19.39 -9.68 -9.43
C ASP A 27 18.97 -10.20 -10.80
N ARG A 28 17.94 -11.04 -10.83
CA ARG A 28 17.42 -11.57 -12.08
C ARG A 28 16.86 -10.45 -12.97
N TRP A 29 16.24 -9.45 -12.36
CA TRP A 29 15.61 -8.39 -13.13
C TRP A 29 16.25 -7.02 -12.94
N ASN A 30 17.37 -6.99 -12.23
CA ASN A 30 18.09 -5.74 -11.97
C ASN A 30 17.16 -4.69 -11.37
N ILE A 31 16.49 -5.06 -10.29
CA ILE A 31 15.46 -4.23 -9.68
C ILE A 31 16.05 -3.09 -8.85
N HIS A 32 15.61 -1.86 -9.14
CA HIS A 32 16.09 -0.65 -8.47
C HIS A 32 17.57 -0.68 -8.09
N PRO A 33 18.46 -0.60 -9.10
CA PRO A 33 19.90 -0.66 -8.90
C PRO A 33 20.42 0.43 -7.96
N ASP A 34 19.63 1.48 -7.76
CA ASP A 34 20.01 2.56 -6.84
C ASP A 34 19.99 2.09 -5.39
N HIS A 35 19.16 1.09 -5.12
CA HIS A 35 19.03 0.56 -3.76
C HIS A 35 20.00 -0.61 -3.52
N LEU A 36 21.11 -0.32 -2.84
CA LEU A 36 22.17 -1.31 -2.59
C LEU A 36 21.75 -2.35 -1.54
N TRP A 37 20.90 -1.92 -0.61
CA TRP A 37 20.42 -2.81 0.44
C TRP A 37 19.54 -3.93 -0.09
N LEU A 38 19.03 -3.76 -1.32
CA LEU A 38 18.29 -4.80 -2.03
C LEU A 38 19.18 -6.00 -2.36
N ARG A 39 20.48 -5.84 -2.18
CA ARG A 39 21.44 -6.90 -2.49
C ARG A 39 22.33 -7.25 -1.29
N GLY A 40 22.02 -6.66 -0.14
CA GLY A 40 22.77 -6.93 1.07
C GLY A 40 23.89 -5.94 1.32
N GLN A 41 24.01 -4.93 0.47
CA GLN A 41 25.02 -3.90 0.65
C GLN A 41 24.49 -2.79 1.55
N ARG A 42 24.80 -2.90 2.84
CA ARG A 42 24.28 -2.00 3.85
C ARG A 42 25.37 -1.11 4.43
N PRO A 43 25.02 0.13 4.77
CA PRO A 43 25.91 1.03 5.50
C PRO A 43 26.24 0.47 6.89
N GLU A 44 27.37 0.88 7.46
CA GLU A 44 27.78 0.41 8.79
C GLU A 44 26.84 0.95 9.87
N SER A 45 26.42 2.21 9.70
CA SER A 45 25.50 2.84 10.63
C SER A 45 24.06 2.69 10.17
N PRO A 46 23.15 2.38 11.11
CA PRO A 46 21.72 2.31 10.80
C PRO A 46 21.20 3.69 10.38
N VAL A 47 21.64 4.74 11.06
CA VAL A 47 21.23 6.10 10.75
C VAL A 47 22.35 6.86 10.04
N VAL A 48 22.13 7.24 8.79
CA VAL A 48 23.13 7.99 8.03
C VAL A 48 22.51 9.26 7.43
N PHE A 49 22.94 10.42 7.94
CA PHE A 49 22.46 11.71 7.41
C PHE A 49 22.90 11.90 5.96
N ASP A 50 21.95 12.26 5.10
CA ASP A 50 22.23 12.69 3.74
C ASP A 50 22.37 14.21 3.79
N GLU A 51 22.82 14.81 2.71
CA GLU A 51 22.92 16.27 2.67
C GLU A 51 22.64 16.72 1.25
N THR A 52 21.51 16.25 0.70
CA THR A 52 21.21 16.40 -0.74
C THR A 52 19.93 17.16 -1.13
N GLN A 53 18.75 16.62 -0.84
CA GLN A 53 18.61 15.47 0.04
C GLN A 53 19.03 15.80 1.46
N GLY A 54 18.26 16.62 2.17
CA GLY A 54 18.66 16.91 3.53
C GLY A 54 17.90 16.10 4.57
N VAL A 55 17.84 14.79 4.36
CA VAL A 55 17.12 13.90 5.27
C VAL A 55 18.05 12.95 6.01
N TRP A 56 17.54 12.36 7.09
CA TRP A 56 18.27 11.34 7.83
C TRP A 56 17.73 9.95 7.46
N ASN A 57 18.54 9.19 6.73
CA ASN A 57 18.12 7.85 6.32
C ASN A 57 18.33 6.81 7.42
N VAL A 58 17.29 6.03 7.70
CA VAL A 58 17.35 4.94 8.67
C VAL A 58 17.22 3.60 7.97
N TYR A 59 18.20 2.72 8.18
CA TYR A 59 18.25 1.44 7.50
C TYR A 59 18.03 0.27 8.46
N GLY A 60 18.25 0.52 9.75
CA GLY A 60 18.18 -0.54 10.75
C GLY A 60 16.78 -0.98 11.16
N TYR A 61 16.64 -2.26 11.48
CA TYR A 61 15.34 -2.80 11.94
C TYR A 61 14.98 -2.37 13.38
N PRO A 62 15.89 -2.55 14.35
CA PRO A 62 15.51 -2.13 15.71
C PRO A 62 15.29 -0.63 15.81
N GLU A 63 16.02 0.14 15.02
CA GLU A 63 15.89 1.60 15.00
C GLU A 63 14.56 2.04 14.40
N ALA A 64 14.19 1.47 13.26
CA ALA A 64 12.92 1.78 12.62
C ALA A 64 11.76 1.47 13.57
N MET A 65 11.85 0.33 14.23
CA MET A 65 10.84 -0.10 15.20
C MET A 65 10.70 0.96 16.31
N ASP A 66 11.83 1.38 16.85
CA ASP A 66 11.86 2.41 17.89
C ASP A 66 11.26 3.73 17.41
N ILE A 67 11.65 4.14 16.21
CA ILE A 67 11.16 5.38 15.63
C ILE A 67 9.64 5.35 15.38
N LEU A 68 9.16 4.23 14.85
CA LEU A 68 7.74 4.08 14.53
C LEU A 68 6.87 4.04 15.79
N ASN A 69 7.38 3.43 16.85
CA ASN A 69 6.65 3.36 18.11
C ASN A 69 6.60 4.69 18.85
N ASP A 70 7.63 5.52 18.66
CA ASP A 70 7.70 6.81 19.33
C ASP A 70 7.16 7.93 18.45
N HIS A 71 5.84 7.97 18.31
CA HIS A 71 5.18 8.95 17.42
C HIS A 71 5.29 10.39 17.92
N ASP A 72 5.45 10.56 19.24
CA ASP A 72 5.61 11.89 19.81
C ASP A 72 6.92 12.54 19.37
N THR A 73 8.00 11.76 19.42
CA THR A 73 9.32 12.25 18.98
C THR A 73 9.40 12.28 17.46
N PHE A 74 8.79 11.29 16.82
CA PHE A 74 8.82 11.19 15.36
C PHE A 74 7.41 11.31 14.79
N THR A 75 7.04 12.56 14.51
CA THR A 75 5.69 12.92 14.06
C THR A 75 5.46 12.66 12.57
N SER A 76 4.19 12.65 12.16
CA SER A 76 3.82 12.26 10.79
C SER A 76 3.33 13.41 9.90
N ASP A 77 3.00 14.55 10.51
CA ASP A 77 2.61 15.73 9.74
C ASP A 77 3.86 16.58 9.44
N LEU A 78 4.23 16.65 8.16
CA LEU A 78 5.51 17.24 7.77
C LEU A 78 5.40 18.59 7.09
N ALA A 79 4.19 19.15 7.07
CA ALA A 79 3.93 20.41 6.36
C ALA A 79 4.92 21.53 6.74
N HIS A 80 5.12 21.72 8.04
CA HIS A 80 6.03 22.76 8.52
C HIS A 80 7.49 22.49 8.14
N LEU A 81 7.79 21.24 7.77
CA LEU A 81 9.16 20.83 7.44
C LEU A 81 9.48 20.88 5.95
N LEU A 82 8.46 21.08 5.12
CA LEU A 82 8.65 21.08 3.66
C LEU A 82 9.11 22.46 3.15
N PRO A 83 10.11 22.46 2.25
CA PRO A 83 10.57 23.72 1.65
C PRO A 83 9.49 24.33 0.78
N VAL A 84 9.52 25.64 0.57
CA VAL A 84 8.51 26.34 -0.23
C VAL A 84 8.53 25.87 -1.68
N SER A 85 9.62 25.23 -2.09
CA SER A 85 9.67 24.58 -3.39
C SER A 85 8.62 23.48 -3.49
N VAL A 86 8.25 22.89 -2.35
CA VAL A 86 7.16 21.92 -2.31
C VAL A 86 5.82 22.63 -2.11
N ASP A 87 5.06 22.73 -3.20
CA ASP A 87 3.76 23.40 -3.23
C ASP A 87 2.67 22.33 -3.31
N ALA A 88 2.44 21.63 -2.20
CA ALA A 88 1.55 20.46 -2.20
C ALA A 88 0.17 20.74 -1.61
N PRO A 89 -0.89 20.47 -2.38
CA PRO A 89 -2.27 20.55 -1.91
C PRO A 89 -2.50 19.58 -0.75
N LEU A 90 -3.04 20.07 0.36
CA LEU A 90 -3.33 19.19 1.49
C LEU A 90 -4.56 18.36 1.18
N LEU A 91 -4.40 17.04 1.23
CA LEU A 91 -5.53 16.13 1.02
C LEU A 91 -6.31 15.97 2.32
N GLU A 92 -7.57 16.36 2.30
CA GLU A 92 -8.41 16.34 3.50
C GLU A 92 -8.73 14.92 3.98
N GLY A 93 -8.56 14.70 5.28
CA GLY A 93 -8.88 13.42 5.88
C GLY A 93 -7.76 12.39 5.80
N ASP A 94 -6.60 12.79 5.31
CA ASP A 94 -5.47 11.85 5.20
C ASP A 94 -4.84 11.58 6.56
N MET A 95 -5.15 10.42 7.12
CA MET A 95 -4.73 10.07 8.48
C MET A 95 -3.22 9.86 8.60
N SER A 96 -2.57 9.49 7.50
CA SER A 96 -1.12 9.24 7.53
C SER A 96 -0.32 10.53 7.64
N GLN A 97 -0.92 11.64 7.24
CA GLN A 97 -0.31 12.96 7.36
C GLN A 97 -0.83 13.71 8.57
N MET A 98 -1.52 12.97 9.43
CA MET A 98 -2.24 13.55 10.56
C MET A 98 -1.61 13.13 11.90
N ASP A 99 -1.54 14.06 12.84
CA ASP A 99 -0.93 13.81 14.16
C ASP A 99 -1.97 13.81 15.29
N PRO A 100 -1.67 13.09 16.39
CA PRO A 100 -2.57 13.11 17.55
C PRO A 100 -2.59 14.51 18.16
N PRO A 101 -3.63 14.85 18.93
CA PRO A 101 -4.81 14.06 19.30
C PRO A 101 -5.83 13.85 18.18
N ARG A 102 -5.88 14.71 17.17
CA ARG A 102 -6.88 14.57 16.10
C ARG A 102 -6.81 13.21 15.38
N HIS A 103 -5.60 12.74 15.08
CA HIS A 103 -5.44 11.45 14.43
C HIS A 103 -6.06 10.32 15.25
N ARG A 104 -5.85 10.37 16.57
CA ARG A 104 -6.39 9.36 17.48
C ARG A 104 -7.90 9.24 17.39
N LYS A 105 -8.60 10.39 17.45
CA LYS A 105 -10.05 10.40 17.31
C LYS A 105 -10.51 9.93 15.93
N TYR A 106 -9.80 10.39 14.89
CA TYR A 106 -10.11 9.99 13.52
C TYR A 106 -9.93 8.50 13.27
N ARG A 107 -8.84 7.95 13.80
CA ARG A 107 -8.59 6.50 13.75
C ARG A 107 -9.56 5.66 14.58
N GLN A 108 -9.88 6.09 15.79
CA GLN A 108 -10.89 5.39 16.59
C GLN A 108 -12.18 5.23 15.80
N LEU A 109 -12.58 6.32 15.17
CA LEU A 109 -13.85 6.37 14.45
C LEU A 109 -13.85 5.52 13.18
N VAL A 110 -12.88 5.76 12.31
CA VAL A 110 -12.78 5.02 11.06
C VAL A 110 -12.63 3.51 11.31
N SER A 111 -11.90 3.14 12.35
CA SER A 111 -11.70 1.74 12.67
C SER A 111 -12.92 1.13 13.36
N ARG A 112 -13.89 1.97 13.73
CA ARG A 112 -15.17 1.46 14.22
C ARG A 112 -15.93 0.85 13.05
N ALA A 113 -15.65 1.39 11.85
CA ALA A 113 -16.34 0.99 10.64
C ALA A 113 -15.52 0.02 9.80
N PHE A 114 -14.27 0.38 9.53
CA PHE A 114 -13.39 -0.47 8.74
C PHE A 114 -12.87 -1.60 9.63
N THR A 115 -13.64 -2.68 9.70
CA THR A 115 -13.43 -3.74 10.68
C THR A 115 -13.01 -5.07 10.04
N PRO A 116 -12.44 -6.00 10.83
CA PRO A 116 -12.10 -7.33 10.30
C PRO A 116 -13.34 -8.08 9.81
N ARG A 117 -14.45 -7.96 10.54
CA ARG A 117 -15.67 -8.68 10.22
C ARG A 117 -16.26 -8.25 8.86
N LEU A 118 -16.22 -6.95 8.60
CA LEU A 118 -16.73 -6.41 7.34
C LEU A 118 -15.89 -6.91 6.17
N VAL A 119 -14.58 -6.94 6.37
CA VAL A 119 -13.65 -7.42 5.36
C VAL A 119 -13.88 -8.90 5.05
N ALA A 120 -13.91 -9.71 6.11
CA ALA A 120 -14.09 -11.16 5.97
C ALA A 120 -15.39 -11.51 5.25
N ASP A 121 -16.44 -10.72 5.47
CA ASP A 121 -17.73 -10.97 4.84
C ASP A 121 -17.71 -10.68 3.34
N MET A 122 -16.64 -10.04 2.88
CA MET A 122 -16.50 -9.69 1.46
C MET A 122 -15.87 -10.79 0.61
N GLU A 123 -15.43 -11.87 1.26
CA GLU A 123 -14.65 -12.91 0.58
C GLU A 123 -15.32 -13.50 -0.67
N THR A 124 -16.59 -13.89 -0.55
CA THR A 124 -17.32 -14.48 -1.66
C THR A 124 -17.39 -13.49 -2.82
N ARG A 125 -17.67 -12.23 -2.49
CA ARG A 125 -17.71 -11.18 -3.50
C ARG A 125 -16.34 -11.01 -4.19
N VAL A 126 -15.27 -11.07 -3.41
CA VAL A 126 -13.92 -10.95 -3.95
C VAL A 126 -13.60 -12.10 -4.90
N ALA A 127 -14.02 -13.31 -4.52
CA ALA A 127 -13.84 -14.49 -5.35
C ALA A 127 -14.63 -14.38 -6.65
N ASP A 128 -15.83 -13.82 -6.57
CA ASP A 128 -16.71 -13.67 -7.72
C ASP A 128 -16.14 -12.68 -8.74
N ILE A 129 -15.65 -11.55 -8.25
CA ILE A 129 -14.97 -10.57 -9.10
C ILE A 129 -13.72 -11.19 -9.72
N THR A 130 -12.95 -11.91 -8.89
CA THR A 130 -11.71 -12.55 -9.36
C THR A 130 -11.98 -13.54 -10.47
N ARG A 131 -13.02 -14.35 -10.31
CA ARG A 131 -13.40 -15.33 -11.32
C ARG A 131 -13.74 -14.67 -12.66
N GLU A 132 -14.57 -13.63 -12.60
CA GLU A 132 -14.96 -12.90 -13.81
C GLU A 132 -13.75 -12.33 -14.56
N LEU A 133 -12.76 -11.86 -13.81
CA LEU A 133 -11.56 -11.30 -14.42
C LEU A 133 -10.74 -12.39 -15.09
N LEU A 134 -10.60 -13.52 -14.41
CA LEU A 134 -9.84 -14.65 -14.93
C LEU A 134 -10.57 -15.32 -16.09
N ASP A 135 -11.89 -15.23 -16.09
CA ASP A 135 -12.71 -15.78 -17.17
C ASP A 135 -12.38 -15.12 -18.50
N ALA A 136 -11.99 -13.86 -18.45
CA ALA A 136 -11.73 -13.07 -19.65
C ALA A 136 -10.45 -13.49 -20.36
N VAL A 137 -9.51 -14.06 -19.61
CA VAL A 137 -8.19 -14.39 -20.18
C VAL A 137 -7.88 -15.89 -20.08
N ASP A 138 -8.86 -16.66 -19.62
CA ASP A 138 -8.71 -18.11 -19.49
C ASP A 138 -8.43 -18.75 -20.85
N GLY A 139 -7.32 -19.49 -20.94
CA GLY A 139 -6.99 -20.21 -22.16
C GLY A 139 -5.92 -19.55 -23.02
N LYS A 140 -5.71 -18.24 -22.84
CA LYS A 140 -4.71 -17.49 -23.60
C LYS A 140 -3.30 -18.00 -23.33
N PRO A 141 -2.41 -17.94 -24.33
CA PRO A 141 -1.02 -18.38 -24.17
C PRO A 141 -0.21 -17.37 -23.36
N GLU A 142 -0.71 -16.13 -23.29
CA GLU A 142 -0.03 -15.10 -22.52
C GLU A 142 -1.01 -14.09 -21.89
N ILE A 143 -0.84 -13.86 -20.60
CA ILE A 143 -1.62 -12.86 -19.88
C ILE A 143 -0.70 -11.80 -19.30
N GLU A 144 -1.27 -10.64 -18.94
CA GLU A 144 -0.53 -9.62 -18.23
C GLU A 144 -1.20 -9.42 -16.86
N ILE A 145 -0.47 -9.74 -15.80
CA ILE A 145 -1.03 -9.87 -14.46
C ILE A 145 -1.68 -8.60 -13.89
N ALA A 146 -1.07 -7.45 -14.15
CA ALA A 146 -1.58 -6.20 -13.62
C ALA A 146 -2.89 -5.83 -14.29
N ALA A 147 -2.84 -5.65 -15.61
CA ALA A 147 -4.01 -5.23 -16.36
C ALA A 147 -5.19 -6.18 -16.26
N ASP A 148 -4.92 -7.48 -16.18
CA ASP A 148 -5.97 -8.49 -16.20
C ASP A 148 -6.55 -8.82 -14.83
N LEU A 149 -5.75 -8.66 -13.77
CA LEU A 149 -6.20 -9.09 -12.44
C LEU A 149 -5.78 -8.17 -11.31
N ALA A 150 -4.47 -8.02 -11.13
CA ALA A 150 -3.91 -7.33 -9.97
C ALA A 150 -4.41 -5.89 -9.82
N TYR A 151 -4.60 -5.20 -10.95
CA TYR A 151 -5.05 -3.81 -10.92
C TYR A 151 -6.57 -3.61 -10.80
N PRO A 152 -7.38 -4.32 -11.61
CA PRO A 152 -8.83 -4.07 -11.52
C PRO A 152 -9.46 -4.53 -10.21
N LEU A 153 -8.97 -5.63 -9.64
CA LEU A 153 -9.57 -6.22 -8.45
C LEU A 153 -9.70 -5.29 -7.22
N PRO A 154 -8.60 -4.65 -6.78
CA PRO A 154 -8.71 -3.78 -5.60
C PRO A 154 -9.65 -2.60 -5.83
N VAL A 155 -9.66 -2.07 -7.05
CA VAL A 155 -10.55 -0.97 -7.42
C VAL A 155 -12.01 -1.35 -7.19
N ILE A 156 -12.42 -2.41 -7.87
CA ILE A 156 -13.80 -2.89 -7.81
C ILE A 156 -14.20 -3.25 -6.38
N VAL A 157 -13.33 -3.99 -5.69
CA VAL A 157 -13.62 -4.39 -4.32
C VAL A 157 -13.89 -3.20 -3.40
N ILE A 158 -12.98 -2.22 -3.41
CA ILE A 158 -13.13 -1.08 -2.51
C ILE A 158 -14.33 -0.19 -2.90
N ALA A 159 -14.66 -0.16 -4.19
CA ALA A 159 -15.80 0.62 -4.66
C ALA A 159 -17.12 0.03 -4.13
N GLU A 160 -17.22 -1.30 -4.18
CA GLU A 160 -18.44 -1.97 -3.71
C GLU A 160 -18.59 -1.84 -2.19
N LEU A 161 -17.45 -1.81 -1.49
CA LEU A 161 -17.45 -1.56 -0.05
C LEU A 161 -17.99 -0.17 0.27
N LEU A 162 -17.91 0.74 -0.71
CA LEU A 162 -18.32 2.13 -0.52
C LEU A 162 -19.65 2.43 -1.20
N GLY A 163 -20.45 1.40 -1.44
CA GLY A 163 -21.77 1.58 -1.99
C GLY A 163 -21.82 1.95 -3.46
N VAL A 164 -20.74 1.65 -4.19
CA VAL A 164 -20.76 1.80 -5.64
C VAL A 164 -21.27 0.51 -6.27
N PRO A 165 -22.44 0.56 -6.92
CA PRO A 165 -23.06 -0.59 -7.57
C PRO A 165 -22.38 -0.91 -8.90
N ALA A 166 -22.51 -2.16 -9.36
CA ALA A 166 -21.86 -2.62 -10.59
C ALA A 166 -22.20 -1.76 -11.81
N GLY A 167 -23.46 -1.36 -11.93
CA GLY A 167 -23.91 -0.54 -13.04
C GLY A 167 -23.17 0.79 -13.16
N ASP A 168 -22.53 1.20 -12.07
CA ASP A 168 -21.76 2.45 -12.07
C ASP A 168 -20.25 2.22 -12.20
N ARG A 169 -19.84 1.08 -12.75
CA ARG A 169 -18.40 0.84 -12.97
C ARG A 169 -17.85 1.70 -14.09
N ASP A 170 -18.60 1.82 -15.18
CA ASP A 170 -18.22 2.65 -16.32
C ASP A 170 -18.08 4.13 -15.94
N LEU A 171 -18.76 4.53 -14.87
CA LEU A 171 -18.69 5.89 -14.37
C LEU A 171 -17.42 6.12 -13.56
N PHE A 172 -16.85 5.03 -13.03
CA PHE A 172 -15.68 5.12 -12.17
C PHE A 172 -14.38 4.83 -12.91
N LYS A 173 -14.47 4.10 -14.01
CA LYS A 173 -13.33 3.96 -14.93
C LYS A 173 -13.17 5.30 -15.63
N LYS A 174 -14.30 5.97 -15.83
CA LYS A 174 -14.34 7.30 -16.42
C LYS A 174 -13.59 8.31 -15.54
N TRP A 175 -13.81 8.22 -14.23
CA TRP A 175 -13.19 9.12 -13.26
C TRP A 175 -11.84 8.59 -12.77
N ALA A 176 -11.50 7.36 -13.19
CA ALA A 176 -10.34 6.64 -12.67
C ALA A 176 -9.07 7.48 -12.49
N ASP A 177 -8.65 8.16 -13.55
CA ASP A 177 -7.43 8.97 -13.51
C ASP A 177 -7.53 10.15 -12.54
N ASP A 178 -8.63 10.89 -12.60
CA ASP A 178 -8.81 12.08 -11.76
C ASP A 178 -8.88 11.77 -10.27
N ILE A 179 -9.50 10.64 -9.93
CA ILE A 179 -9.61 10.20 -8.55
C ILE A 179 -8.24 10.02 -7.90
N ILE A 180 -7.37 9.28 -8.59
CA ILE A 180 -6.05 8.95 -8.04
C ILE A 180 -5.08 10.12 -7.98
N GLU A 181 -5.19 11.06 -8.91
CA GLU A 181 -4.42 12.29 -8.82
C GLU A 181 -4.94 13.13 -7.66
N GLY A 182 -6.26 13.10 -7.46
CA GLY A 182 -6.90 13.95 -6.47
C GLY A 182 -6.91 13.43 -5.04
N PHE A 183 -6.63 12.14 -4.87
CA PHE A 183 -6.68 11.54 -3.53
C PHE A 183 -5.53 10.58 -3.24
N SER A 184 -4.41 10.75 -3.94
CA SER A 184 -3.21 9.96 -3.67
C SER A 184 -2.50 10.45 -2.40
N GLY A 185 -2.32 11.76 -2.29
CA GLY A 185 -1.66 12.33 -1.13
C GLY A 185 -0.15 12.48 -1.30
N PHE A 186 0.53 12.73 -0.19
CA PHE A 186 1.95 13.08 -0.17
C PHE A 186 2.78 11.91 0.39
N SER A 187 3.87 11.49 -0.23
CA SER A 187 4.41 12.10 -1.44
C SER A 187 5.60 13.02 -1.17
N PHE A 188 6.64 12.55 -0.47
CA PHE A 188 7.80 13.43 -0.30
C PHE A 188 8.92 13.17 -1.30
N LEU A 189 9.26 11.91 -1.53
CA LEU A 189 10.36 11.55 -2.43
C LEU A 189 10.00 11.82 -3.89
N ASP A 190 8.74 11.57 -4.26
CA ASP A 190 8.32 11.54 -5.65
C ASP A 190 7.74 12.86 -6.14
N THR A 191 7.47 13.77 -5.21
CA THR A 191 6.82 15.03 -5.57
C THR A 191 7.62 15.87 -6.57
N SER A 192 6.89 16.51 -7.48
CA SER A 192 7.45 17.48 -8.40
C SER A 192 6.50 18.65 -8.45
N GLY A 193 6.97 19.78 -8.98
CA GLY A 193 6.11 20.95 -9.12
C GLY A 193 4.94 20.68 -10.05
N GLN A 194 5.25 20.06 -11.18
CA GLN A 194 4.24 19.70 -12.18
C GLN A 194 3.32 18.59 -11.66
N GLY A 195 3.86 17.71 -10.82
CA GLY A 195 3.09 16.67 -10.20
C GLY A 195 1.99 17.21 -9.31
N GLU A 196 2.37 18.12 -8.40
CA GLU A 196 1.40 18.78 -7.53
C GLU A 196 0.42 19.64 -8.31
N GLN A 197 0.90 20.22 -9.41
CA GLN A 197 0.05 21.01 -10.31
C GLN A 197 -1.08 20.15 -10.85
N ASP A 198 -0.77 18.90 -11.20
CA ASP A 198 -1.76 17.96 -11.70
C ASP A 198 -2.82 17.62 -10.65
N VAL A 199 -2.38 17.45 -9.40
CA VAL A 199 -3.29 17.18 -8.29
C VAL A 199 -4.34 18.29 -8.15
N ARG A 200 -3.88 19.54 -8.26
CA ARG A 200 -4.76 20.71 -8.14
C ARG A 200 -5.83 20.73 -9.24
N ASP A 201 -5.41 20.46 -10.47
CA ASP A 201 -6.32 20.48 -11.62
C ASP A 201 -7.38 19.39 -11.52
N ALA A 202 -6.95 18.19 -11.15
CA ALA A 202 -7.86 17.07 -10.94
C ALA A 202 -8.89 17.40 -9.86
N THR A 203 -8.42 17.95 -8.75
CA THR A 203 -9.27 18.36 -7.63
C THR A 203 -10.36 19.35 -8.05
N GLU A 204 -10.02 20.22 -9.01
CA GLU A 204 -10.97 21.18 -9.56
C GLU A 204 -12.12 20.50 -10.31
N ARG A 205 -11.89 19.27 -10.77
CA ARG A 205 -12.90 18.51 -11.50
C ARG A 205 -13.39 17.30 -10.71
N LEU A 206 -13.76 17.52 -9.45
CA LEU A 206 -14.19 16.43 -8.57
C LEU A 206 -15.54 16.68 -7.88
N ARG A 207 -16.15 17.82 -8.19
CA ARG A 207 -17.50 18.11 -7.70
C ARG A 207 -18.51 16.98 -7.94
N PRO A 208 -18.51 16.33 -9.12
CA PRO A 208 -19.53 15.29 -9.31
C PRO A 208 -19.22 13.98 -8.59
N LEU A 209 -17.97 13.73 -8.21
CA LEU A 209 -17.65 12.56 -7.39
C LEU A 209 -18.03 12.81 -5.94
N LEU A 210 -17.72 14.01 -5.46
CA LEU A 210 -18.06 14.38 -4.09
C LEU A 210 -19.55 14.63 -3.90
N ASP A 211 -20.26 14.92 -4.99
CA ASP A 211 -21.71 14.97 -4.95
C ASP A 211 -22.27 13.55 -5.00
N TYR A 212 -21.50 12.64 -5.60
CA TYR A 212 -21.86 11.23 -5.68
C TYR A 212 -21.77 10.57 -4.32
N MET A 213 -20.64 10.77 -3.64
CA MET A 213 -20.44 10.20 -2.31
C MET A 213 -21.41 10.78 -1.29
N ALA A 214 -21.61 12.10 -1.35
CA ALA A 214 -22.52 12.79 -0.44
C ALA A 214 -23.94 12.23 -0.54
N GLY A 215 -24.35 11.87 -1.75
CA GLY A 215 -25.67 11.30 -1.96
C GLY A 215 -25.84 9.93 -1.31
N HIS A 216 -24.78 9.14 -1.33
CA HIS A 216 -24.80 7.81 -0.71
C HIS A 216 -24.71 7.92 0.81
N VAL A 217 -24.00 8.93 1.30
CA VAL A 217 -23.90 9.17 2.74
C VAL A 217 -25.22 9.66 3.31
N THR A 218 -25.88 10.56 2.59
CA THR A 218 -27.20 11.04 2.97
C THR A 218 -28.21 9.88 2.99
N GLU A 219 -28.02 8.92 2.08
CA GLU A 219 -28.91 7.77 1.98
C GLU A 219 -28.72 6.81 3.15
N ARG A 220 -27.46 6.59 3.53
CA ARG A 220 -27.14 5.66 4.62
C ARG A 220 -27.60 6.20 5.96
N ARG A 221 -27.62 7.53 6.09
CA ARG A 221 -28.07 8.17 7.31
C ARG A 221 -29.60 8.11 7.37
N ARG A 222 -30.22 8.11 6.19
CA ARG A 222 -31.68 8.04 6.07
C ARG A 222 -32.17 6.60 6.24
N THR A 223 -31.61 5.67 5.47
CA THR A 223 -31.89 4.25 5.64
C THR A 223 -30.60 3.46 5.80
N PRO A 224 -30.24 3.19 7.07
CA PRO A 224 -29.02 2.46 7.47
C PRO A 224 -28.93 1.07 6.86
N ARG A 225 -27.72 0.60 6.61
CA ARG A 225 -27.49 -0.76 6.12
C ARG A 225 -26.31 -1.36 6.87
N GLU A 226 -26.15 -2.67 6.74
CA GLU A 226 -24.93 -3.32 7.22
C GLU A 226 -23.85 -3.14 6.17
N ASP A 227 -23.24 -1.95 6.15
CA ASP A 227 -22.14 -1.68 5.23
C ASP A 227 -21.21 -0.58 5.77
N LEU A 228 -20.12 -0.32 5.05
CA LEU A 228 -19.07 0.59 5.50
C LEU A 228 -19.53 2.03 5.70
N LEU A 229 -20.15 2.61 4.67
CA LEU A 229 -20.65 3.99 4.72
C LEU A 229 -21.57 4.24 5.92
N THR A 230 -22.45 3.28 6.18
CA THR A 230 -23.36 3.39 7.33
C THR A 230 -22.59 3.34 8.65
N HIS A 231 -21.63 2.44 8.73
CA HIS A 231 -20.83 2.28 9.95
C HIS A 231 -19.97 3.51 10.22
N LEU A 232 -19.48 4.16 9.15
CA LEU A 232 -18.77 5.43 9.28
C LEU A 232 -19.70 6.54 9.77
N VAL A 233 -20.95 6.52 9.31
CA VAL A 233 -21.95 7.49 9.74
C VAL A 233 -22.32 7.29 11.21
N GLN A 234 -22.37 6.02 11.62
CA GLN A 234 -22.83 5.67 12.97
C GLN A 234 -21.71 5.62 14.01
N ALA A 235 -20.44 5.59 13.57
CA ALA A 235 -19.30 5.52 14.47
C ALA A 235 -19.39 6.54 15.60
N GLU A 236 -19.13 6.11 16.84
CA GLU A 236 -19.59 6.83 18.02
C GLU A 236 -18.53 7.52 18.88
N VAL A 237 -17.77 6.73 19.64
CA VAL A 237 -16.80 7.25 20.61
C VAL A 237 -17.29 8.47 21.44
N ASP A 238 -18.02 8.18 22.52
CA ASP A 238 -18.69 9.18 23.37
C ASP A 238 -19.49 10.31 22.67
N GLY A 239 -20.20 9.95 21.60
CA GLY A 239 -21.07 10.90 20.92
C GLY A 239 -20.37 11.70 19.84
N GLU A 240 -19.06 11.85 19.98
CA GLU A 240 -18.24 12.59 19.03
C GLU A 240 -18.13 11.86 17.69
N ARG A 241 -18.75 12.41 16.64
CA ARG A 241 -18.80 11.72 15.35
C ARG A 241 -18.11 12.44 14.20
N LEU A 242 -18.08 11.78 13.04
CA LEU A 242 -17.60 12.37 11.80
C LEU A 242 -18.72 13.18 11.15
N THR A 243 -18.35 14.31 10.55
CA THR A 243 -19.31 15.07 9.74
C THR A 243 -19.52 14.35 8.42
N ASP A 244 -20.60 14.67 7.73
CA ASP A 244 -20.84 14.10 6.40
C ASP A 244 -19.65 14.36 5.48
N ASN A 245 -19.08 15.56 5.58
CA ASN A 245 -17.96 15.95 4.73
C ASN A 245 -16.69 15.15 5.01
N GLU A 246 -16.44 14.84 6.28
CA GLU A 246 -15.28 14.02 6.66
C GLU A 246 -15.46 12.59 6.16
N ILE A 247 -16.69 12.10 6.20
CA ILE A 247 -17.03 10.77 5.70
C ILE A 247 -16.80 10.67 4.19
N VAL A 248 -17.23 11.70 3.44
CA VAL A 248 -17.00 11.75 2.00
C VAL A 248 -15.51 11.73 1.69
N ASN A 249 -14.74 12.49 2.46
CA ASN A 249 -13.29 12.53 2.28
C ASN A 249 -12.60 11.21 2.63
N VAL A 250 -13.04 10.58 3.71
CA VAL A 250 -12.55 9.26 4.09
C VAL A 250 -12.76 8.26 2.96
N ALA A 251 -13.97 8.25 2.41
CA ALA A 251 -14.35 7.32 1.35
C ALA A 251 -13.52 7.53 0.08
N ASN A 252 -13.42 8.79 -0.36
CA ASN A 252 -12.64 9.12 -1.54
C ASN A 252 -11.17 8.77 -1.41
N ILE A 253 -10.63 8.99 -0.21
CA ILE A 253 -9.25 8.60 0.06
C ILE A 253 -9.10 7.09 -0.04
N LEU A 254 -9.99 6.35 0.62
CA LEU A 254 -9.95 4.88 0.59
C LEU A 254 -10.02 4.30 -0.83
N LEU A 255 -10.66 5.03 -1.74
CA LEU A 255 -10.77 4.63 -3.14
C LEU A 255 -9.39 4.44 -3.77
N VAL A 256 -8.41 5.19 -3.28
CA VAL A 256 -7.05 5.13 -3.86
C VAL A 256 -5.94 4.63 -2.91
N THR A 257 -6.04 4.92 -1.61
CA THR A 257 -5.01 4.41 -0.70
C THR A 257 -4.97 2.89 -0.71
N GLY A 258 -3.75 2.36 -0.81
CA GLY A 258 -3.56 0.93 -0.79
C GLY A 258 -3.92 0.24 -2.09
N HIS A 259 -4.58 0.95 -2.99
CA HIS A 259 -4.91 0.39 -4.30
C HIS A 259 -3.64 0.00 -5.05
N ILE A 260 -2.83 1.00 -5.42
CA ILE A 260 -1.58 0.75 -6.15
C ILE A 260 -0.67 -0.26 -5.44
N THR A 261 -0.56 -0.13 -4.11
CA THR A 261 0.27 -1.04 -3.34
C THR A 261 -0.26 -2.46 -3.36
N THR A 262 -1.59 -2.60 -3.42
CA THR A 262 -2.20 -3.92 -3.49
C THR A 262 -1.85 -4.63 -4.80
N THR A 263 -1.95 -3.92 -5.93
CA THR A 263 -1.63 -4.52 -7.23
C THR A 263 -0.14 -4.85 -7.31
N MET A 264 0.69 -3.98 -6.77
CA MET A 264 2.13 -4.24 -6.67
C MET A 264 2.38 -5.53 -5.89
N THR A 265 1.73 -5.63 -4.73
CA THR A 265 1.86 -6.80 -3.85
C THR A 265 1.47 -8.10 -4.55
N LEU A 266 0.39 -8.04 -5.32
CA LEU A 266 -0.04 -9.18 -6.12
C LEU A 266 1.03 -9.58 -7.14
N GLY A 267 1.51 -8.60 -7.91
CA GLY A 267 2.51 -8.85 -8.93
C GLY A 267 3.85 -9.26 -8.35
N ASN A 268 4.22 -8.64 -7.24
CA ASN A 268 5.49 -8.97 -6.58
C ASN A 268 5.56 -10.41 -6.08
N THR A 269 4.46 -10.89 -5.49
CA THR A 269 4.39 -12.27 -5.02
C THR A 269 4.65 -13.25 -6.17
N VAL A 270 3.98 -13.05 -7.30
CA VAL A 270 4.14 -13.92 -8.45
C VAL A 270 5.58 -13.88 -8.99
N LEU A 271 6.16 -12.69 -9.00
CA LEU A 271 7.53 -12.52 -9.50
C LEU A 271 8.53 -13.28 -8.62
N CYS A 272 8.37 -13.14 -7.30
CA CYS A 272 9.22 -13.86 -6.35
C CYS A 272 9.09 -15.37 -6.52
N LEU A 273 7.86 -15.82 -6.80
CA LEU A 273 7.59 -17.25 -6.99
C LEU A 273 8.15 -17.76 -8.32
N ASP A 274 8.06 -16.94 -9.36
CA ASP A 274 8.61 -17.29 -10.67
C ASP A 274 10.12 -17.50 -10.59
N ALA A 275 10.77 -16.67 -9.78
CA ALA A 275 12.23 -16.71 -9.66
C ALA A 275 12.76 -18.00 -9.04
N ASP A 276 11.89 -18.73 -8.34
CA ASP A 276 12.27 -19.96 -7.65
C ASP A 276 11.24 -21.07 -7.88
N PRO A 277 11.34 -21.76 -9.04
CA PRO A 277 10.38 -22.77 -9.49
C PRO A 277 10.05 -23.84 -8.46
N GLU A 278 11.02 -24.22 -7.64
CA GLU A 278 10.77 -25.23 -6.61
C GLU A 278 9.87 -24.72 -5.47
N VAL A 279 10.10 -23.49 -5.04
CA VAL A 279 9.24 -22.86 -4.04
C VAL A 279 7.85 -22.62 -4.64
N ALA A 280 7.81 -22.17 -5.88
CA ALA A 280 6.54 -21.96 -6.58
C ALA A 280 5.73 -23.26 -6.62
N ALA A 281 6.38 -24.36 -7.01
CA ALA A 281 5.72 -25.65 -7.07
C ALA A 281 5.19 -26.07 -5.70
N LYS A 282 5.98 -25.81 -4.66
CA LYS A 282 5.62 -26.17 -3.29
C LYS A 282 4.41 -25.36 -2.82
N VAL A 283 4.41 -24.07 -3.12
CA VAL A 283 3.29 -23.19 -2.78
C VAL A 283 2.01 -23.57 -3.50
N ARG A 284 2.13 -23.92 -4.78
CA ARG A 284 0.99 -24.37 -5.58
C ARG A 284 0.41 -25.64 -4.97
N ALA A 285 1.28 -26.56 -4.56
CA ALA A 285 0.87 -27.79 -3.91
C ALA A 285 0.17 -27.58 -2.55
N ASP A 286 0.70 -26.65 -1.77
CA ASP A 286 0.26 -26.42 -0.39
C ASP A 286 -0.22 -24.97 -0.26
N ARG A 287 -1.50 -24.75 -0.53
CA ARG A 287 -2.07 -23.40 -0.56
C ARG A 287 -2.12 -22.71 0.81
N SER A 288 -1.78 -23.45 1.87
CA SER A 288 -1.72 -22.86 3.21
C SER A 288 -0.52 -21.92 3.32
N LEU A 289 0.38 -21.99 2.33
CA LEU A 289 1.57 -21.16 2.29
C LEU A 289 1.37 -19.85 1.52
N VAL A 290 0.22 -19.71 0.86
CA VAL A 290 -0.10 -18.50 0.10
C VAL A 290 0.04 -17.20 0.91
N PRO A 291 -0.62 -17.09 2.08
CA PRO A 291 -0.47 -15.83 2.81
C PRO A 291 0.98 -15.59 3.20
N GLY A 292 1.70 -16.64 3.60
CA GLY A 292 3.11 -16.52 3.94
C GLY A 292 3.95 -16.05 2.78
N ALA A 293 3.57 -16.49 1.57
CA ALA A 293 4.29 -16.09 0.36
C ALA A 293 4.01 -14.63 0.06
N ILE A 294 2.81 -14.17 0.41
CA ILE A 294 2.44 -12.77 0.27
C ILE A 294 3.18 -11.90 1.28
N GLU A 295 3.18 -12.35 2.54
CA GLU A 295 3.94 -11.67 3.59
C GLU A 295 5.42 -11.56 3.23
N GLU A 296 6.00 -12.66 2.80
CA GLU A 296 7.43 -12.69 2.46
C GLU A 296 7.77 -11.78 1.28
N ALA A 297 6.84 -11.63 0.34
CA ALA A 297 7.05 -10.77 -0.81
C ALA A 297 7.07 -9.30 -0.39
N LEU A 298 6.26 -8.97 0.62
CA LEU A 298 6.22 -7.62 1.18
C LEU A 298 7.54 -7.27 1.87
N ARG A 299 8.14 -8.27 2.53
CA ARG A 299 9.44 -8.09 3.17
C ARG A 299 10.54 -7.96 2.12
N VAL A 300 10.43 -8.73 1.04
CA VAL A 300 11.46 -8.79 0.01
C VAL A 300 11.39 -7.61 -0.98
N LEU A 301 10.19 -7.35 -1.50
CA LEU A 301 9.95 -6.22 -2.38
C LEU A 301 8.86 -5.34 -1.76
N SER A 302 9.27 -4.26 -1.11
CA SER A 302 8.33 -3.42 -0.36
C SER A 302 7.68 -2.34 -1.20
N PRO A 303 6.35 -2.44 -1.40
CA PRO A 303 5.57 -1.39 -2.08
C PRO A 303 5.71 -0.06 -1.35
N SER A 304 5.73 -0.12 -0.02
CA SER A 304 6.05 1.05 0.79
C SER A 304 7.47 0.91 1.32
N ALA A 305 8.45 1.27 0.49
CA ALA A 305 9.85 1.10 0.84
C ALA A 305 10.34 2.20 1.80
N ALA A 306 9.72 3.38 1.70
CA ALA A 306 10.15 4.54 2.48
C ALA A 306 9.00 5.19 3.24
N LEU A 307 9.26 5.55 4.49
CA LEU A 307 8.31 6.34 5.28
C LEU A 307 9.00 7.58 5.81
N ALA A 308 8.26 8.68 5.89
CA ALA A 308 8.80 9.93 6.37
C ALA A 308 8.28 10.28 7.77
N ARG A 309 9.16 10.85 8.58
CA ARG A 309 8.80 11.28 9.93
C ARG A 309 9.52 12.59 10.22
N GLY A 310 9.00 13.34 11.18
CA GLY A 310 9.62 14.61 11.56
C GLY A 310 10.02 14.61 13.01
N THR A 311 11.21 15.11 13.31
CA THR A 311 11.69 15.21 14.68
C THR A 311 11.03 16.37 15.41
N SER A 312 10.45 16.09 16.58
CA SER A 312 9.85 17.14 17.40
C SER A 312 10.83 17.65 18.45
N ARG A 313 11.97 16.95 18.58
CA ARG A 313 13.01 17.32 19.53
C ARG A 313 14.32 16.70 19.10
N GLU A 314 15.41 17.11 19.75
CA GLU A 314 16.70 16.48 19.51
C GLU A 314 16.68 15.07 20.11
N VAL A 315 17.05 14.08 19.30
CA VAL A 315 16.98 12.69 19.72
C VAL A 315 18.21 11.90 19.28
N GLU A 316 18.72 11.04 20.15
CA GLU A 316 19.81 10.16 19.76
C GLU A 316 19.27 8.79 19.31
N VAL A 317 19.61 8.42 18.06
CA VAL A 317 19.24 7.11 17.53
C VAL A 317 20.50 6.37 17.13
N ALA A 318 20.85 5.34 17.90
CA ALA A 318 22.04 4.53 17.65
C ALA A 318 23.32 5.36 17.59
N GLY A 319 23.57 6.14 18.64
CA GLY A 319 24.77 6.96 18.71
C GLY A 319 24.74 8.18 17.82
N THR A 320 23.69 8.28 16.99
CA THR A 320 23.53 9.42 16.10
C THR A 320 22.54 10.43 16.67
N VAL A 321 23.02 11.65 16.94
CA VAL A 321 22.16 12.74 17.38
C VAL A 321 21.49 13.40 16.18
N ILE A 322 20.15 13.38 16.18
CA ILE A 322 19.36 14.06 15.15
C ILE A 322 18.73 15.33 15.74
N PRO A 323 18.98 16.48 15.09
CA PRO A 323 18.48 17.75 15.61
C PRO A 323 16.97 17.85 15.49
N LYS A 324 16.37 18.81 16.19
CA LYS A 324 14.92 19.04 16.12
C LYS A 324 14.55 19.50 14.71
N ASP A 325 13.30 19.25 14.32
CA ASP A 325 12.77 19.71 13.04
C ASP A 325 13.58 19.23 11.83
N GLN A 326 13.98 17.98 11.87
CA GLN A 326 14.67 17.34 10.75
C GLN A 326 13.78 16.23 10.17
N ILE A 327 13.93 15.97 8.88
CA ILE A 327 13.16 14.91 8.23
C ILE A 327 13.92 13.58 8.26
N VAL A 328 13.27 12.55 8.82
CA VAL A 328 13.83 11.21 8.89
C VAL A 328 13.17 10.32 7.85
N MET A 329 13.97 9.67 7.03
CA MET A 329 13.45 8.72 6.05
C MET A 329 13.66 7.29 6.50
N LEU A 330 12.58 6.63 6.93
CA LEU A 330 12.64 5.23 7.32
C LEU A 330 12.60 4.34 6.09
N TRP A 331 13.74 3.75 5.76
CA TRP A 331 13.78 2.78 4.66
C TRP A 331 13.38 1.39 5.14
N LEU A 332 12.08 1.14 5.12
CA LEU A 332 11.51 -0.11 5.62
C LEU A 332 11.98 -1.31 4.82
N GLY A 333 12.24 -1.10 3.54
CA GLY A 333 12.76 -2.16 2.68
C GLY A 333 14.11 -2.64 3.18
N ALA A 334 14.92 -1.71 3.64
CA ALA A 334 16.24 -2.02 4.17
C ALA A 334 16.12 -2.70 5.54
N GLY A 335 15.24 -2.14 6.38
CA GLY A 335 14.98 -2.73 7.69
C GLY A 335 14.46 -4.15 7.56
N ASN A 336 13.72 -4.41 6.48
CA ASN A 336 13.19 -5.73 6.19
C ASN A 336 14.27 -6.75 5.84
N ARG A 337 15.50 -6.26 5.65
CA ARG A 337 16.63 -7.11 5.30
C ARG A 337 17.77 -7.01 6.31
N ASP A 338 17.45 -6.54 7.51
CA ASP A 338 18.44 -6.43 8.58
C ASP A 338 18.75 -7.81 9.15
N PRO A 339 20.01 -8.26 8.96
CA PRO A 339 20.46 -9.58 9.42
C PRO A 339 20.30 -9.77 10.92
N ARG A 340 20.26 -8.68 11.68
CA ARG A 340 20.00 -8.76 13.12
C ARG A 340 18.61 -9.31 13.40
N GLN A 341 17.70 -9.11 12.46
CA GLN A 341 16.31 -9.53 12.62
C GLN A 341 15.95 -10.72 11.73
N PHE A 342 16.50 -10.74 10.52
CA PHE A 342 16.15 -11.78 9.56
C PHE A 342 17.33 -12.62 9.13
N THR A 343 17.28 -13.92 9.43
CA THR A 343 18.31 -14.85 9.00
C THR A 343 18.17 -15.09 7.50
N ASP A 344 19.30 -15.03 6.79
CA ASP A 344 19.31 -15.10 5.33
C ASP A 344 18.36 -14.07 4.72
N PRO A 345 18.59 -12.77 5.00
CA PRO A 345 17.65 -11.71 4.61
C PRO A 345 17.38 -11.61 3.11
N GLU A 346 18.33 -12.03 2.28
CA GLU A 346 18.15 -11.97 0.83
C GLU A 346 17.39 -13.16 0.25
N VAL A 347 17.01 -14.11 1.10
CA VAL A 347 16.29 -15.28 0.63
C VAL A 347 14.77 -15.15 0.79
N TYR A 348 14.06 -15.19 -0.33
CA TYR A 348 12.59 -15.29 -0.31
C TYR A 348 12.17 -16.66 0.21
N ASP A 349 11.65 -16.69 1.44
CA ASP A 349 11.19 -17.95 2.05
C ASP A 349 9.81 -17.78 2.67
N PRO A 350 8.76 -18.22 1.94
CA PRO A 350 7.37 -18.10 2.39
C PRO A 350 7.08 -18.76 3.74
N THR A 351 7.96 -19.64 4.20
CA THR A 351 7.73 -20.38 5.45
C THR A 351 8.12 -19.63 6.72
N ARG A 352 8.72 -18.44 6.57
CA ARG A 352 9.08 -17.61 7.73
C ARG A 352 7.88 -17.38 8.63
N ASP A 353 8.00 -17.77 9.90
CA ASP A 353 6.87 -17.70 10.82
C ASP A 353 7.34 -17.54 12.26
N PRO A 354 7.08 -16.38 12.88
CA PRO A 354 6.38 -15.26 12.22
C PRO A 354 7.30 -14.44 11.33
N ASN A 355 6.69 -13.54 10.56
CA ASN A 355 7.43 -12.66 9.65
C ASN A 355 7.10 -11.20 9.96
N PRO A 356 7.79 -10.63 10.97
CA PRO A 356 7.48 -9.29 11.47
C PRO A 356 8.06 -8.16 10.62
N HIS A 357 7.74 -8.16 9.33
CA HIS A 357 8.22 -7.13 8.43
C HIS A 357 7.50 -5.78 8.61
N PHE A 358 8.03 -4.74 7.97
CA PHE A 358 7.48 -3.40 8.07
C PHE A 358 6.53 -3.08 6.91
N GLY A 359 6.06 -4.10 6.21
CA GLY A 359 5.20 -3.93 5.04
C GLY A 359 3.99 -3.04 5.27
N PHE A 360 3.36 -3.22 6.42
CA PHE A 360 2.18 -2.44 6.78
C PHE A 360 2.48 -1.39 7.84
N GLY A 361 3.77 -1.15 8.09
CA GLY A 361 4.17 -0.18 9.10
C GLY A 361 4.17 -0.76 10.51
N ARG A 362 4.02 0.11 11.51
CA ARG A 362 4.09 -0.26 12.91
C ARG A 362 3.70 0.94 13.76
N GLY A 363 2.83 0.73 14.75
CA GLY A 363 2.42 1.80 15.65
C GLY A 363 1.02 2.32 15.38
N ILE A 364 0.78 3.58 15.78
CA ILE A 364 -0.55 4.19 15.68
C ILE A 364 -1.01 4.40 14.25
N HIS A 365 -0.07 4.33 13.31
CA HIS A 365 -0.39 4.51 11.90
C HIS A 365 -0.37 3.20 11.11
N PHE A 366 -0.39 2.06 11.80
CA PHE A 366 -0.34 0.74 11.16
C PHE A 366 -1.42 0.64 10.09
N CYS A 367 -1.07 0.06 8.93
CA CYS A 367 -1.98 0.00 7.79
C CYS A 367 -3.38 -0.47 8.16
N LEU A 368 -4.38 0.33 7.83
CA LEU A 368 -5.77 -0.01 8.18
C LEU A 368 -6.36 -1.04 7.21
N GLY A 369 -5.89 -1.05 5.97
CA GLY A 369 -6.48 -1.92 4.95
C GLY A 369 -5.79 -3.26 4.81
N ALA A 370 -4.85 -3.53 5.72
CA ALA A 370 -4.06 -4.76 5.67
C ALA A 370 -4.88 -6.06 5.56
N PRO A 371 -5.88 -6.27 6.44
CA PRO A 371 -6.65 -7.52 6.27
C PRO A 371 -7.36 -7.60 4.92
N LEU A 372 -7.78 -6.46 4.36
CA LEU A 372 -8.40 -6.45 3.04
C LEU A 372 -7.39 -6.80 1.95
N ALA A 373 -6.20 -6.20 2.07
CA ALA A 373 -5.10 -6.50 1.16
C ALA A 373 -4.74 -7.98 1.19
N ARG A 374 -4.66 -8.54 2.39
CA ARG A 374 -4.31 -9.95 2.58
C ARG A 374 -5.40 -10.88 2.05
N LEU A 375 -6.64 -10.41 2.08
CA LEU A 375 -7.77 -11.22 1.63
C LEU A 375 -7.80 -11.26 0.11
N GLU A 376 -7.65 -10.09 -0.51
CA GLU A 376 -7.59 -10.00 -1.96
C GLU A 376 -6.41 -10.79 -2.50
N GLY A 377 -5.27 -10.68 -1.81
CA GLY A 377 -4.08 -11.44 -2.18
C GLY A 377 -4.28 -12.95 -2.14
N ARG A 378 -4.85 -13.45 -1.06
CA ARG A 378 -5.05 -14.90 -0.90
C ARG A 378 -6.06 -15.44 -1.91
N VAL A 379 -7.13 -14.70 -2.13
CA VAL A 379 -8.17 -15.14 -3.06
C VAL A 379 -7.69 -15.09 -4.50
N ALA A 380 -7.10 -13.96 -4.89
CA ALA A 380 -6.59 -13.78 -6.25
C ALA A 380 -5.48 -14.78 -6.60
N LEU A 381 -4.55 -14.98 -5.68
CA LEU A 381 -3.43 -15.90 -5.93
C LEU A 381 -3.91 -17.33 -6.13
N ASN A 382 -4.76 -17.80 -5.21
CA ASN A 382 -5.29 -19.17 -5.28
C ASN A 382 -6.05 -19.43 -6.57
N ALA A 383 -6.86 -18.46 -6.98
CA ALA A 383 -7.62 -18.58 -8.23
C ALA A 383 -6.71 -18.55 -9.46
N LEU A 384 -5.65 -17.76 -9.39
CA LEU A 384 -4.69 -17.64 -10.49
C LEU A 384 -3.98 -18.98 -10.73
N PHE A 385 -3.53 -19.61 -9.64
CA PHE A 385 -2.86 -20.90 -9.71
C PHE A 385 -3.81 -21.99 -10.18
N ASP A 386 -5.06 -21.90 -9.72
CA ASP A 386 -6.12 -22.84 -10.13
C ASP A 386 -6.39 -22.75 -11.62
N ARG A 387 -6.42 -21.53 -12.16
CA ARG A 387 -6.77 -21.32 -13.56
C ARG A 387 -5.57 -21.57 -14.47
N PHE A 388 -4.39 -21.24 -13.99
CA PHE A 388 -3.18 -21.35 -14.80
C PHE A 388 -2.10 -22.21 -14.12
N PRO A 389 -2.12 -23.53 -14.38
CA PRO A 389 -1.14 -24.46 -13.82
C PRO A 389 0.29 -24.10 -14.18
N VAL A 390 0.50 -23.39 -15.28
CA VAL A 390 1.84 -22.96 -15.67
C VAL A 390 1.92 -21.45 -15.93
N LEU A 391 2.82 -20.79 -15.21
CA LEU A 391 3.06 -19.36 -15.38
C LEU A 391 4.57 -19.07 -15.35
N ARG A 392 5.09 -18.53 -16.45
CA ARG A 392 6.51 -18.17 -16.51
C ARG A 392 6.70 -16.81 -17.17
N THR A 393 7.71 -16.08 -16.70
CA THR A 393 8.07 -14.78 -17.26
C THR A 393 8.55 -14.91 -18.71
N ASP A 394 8.51 -13.78 -19.42
CA ASP A 394 9.00 -13.74 -20.80
C ASP A 394 10.11 -12.70 -20.89
N PRO A 395 11.33 -13.13 -21.25
CA PRO A 395 12.45 -12.20 -21.43
C PRO A 395 12.28 -11.30 -22.66
N ALA A 396 11.35 -11.67 -23.54
CA ALA A 396 11.02 -10.82 -24.69
C ALA A 396 9.98 -9.77 -24.28
N LYS A 397 9.26 -10.07 -23.20
CA LYS A 397 8.32 -9.11 -22.60
C LYS A 397 8.55 -9.03 -21.09
N PRO A 398 9.69 -8.43 -20.70
CA PRO A 398 10.14 -8.47 -19.30
C PRO A 398 9.21 -7.73 -18.35
N PRO A 399 9.22 -8.13 -17.07
CA PRO A 399 8.46 -7.41 -16.04
C PRO A 399 8.98 -5.99 -15.93
N THR A 400 8.10 -5.00 -15.91
CA THR A 400 8.54 -3.63 -15.70
C THR A 400 8.22 -3.22 -14.26
N PHE A 401 8.82 -2.12 -13.82
CA PHE A 401 8.68 -1.67 -12.45
C PHE A 401 8.32 -0.20 -12.39
N PHE A 402 7.66 0.20 -11.30
CA PHE A 402 7.37 1.61 -11.07
C PHE A 402 8.68 2.40 -10.96
N PRO A 403 8.72 3.60 -11.56
CA PRO A 403 9.92 4.46 -11.59
C PRO A 403 10.35 4.89 -10.19
N THR A 404 9.37 5.06 -9.31
CA THR A 404 9.52 5.65 -7.97
C THR A 404 10.54 4.91 -7.09
N PRO A 405 11.37 5.67 -6.34
CA PRO A 405 12.41 5.13 -5.44
C PRO A 405 11.84 4.59 -4.13
N ASP A 406 10.66 5.05 -3.75
CA ASP A 406 10.05 4.68 -2.48
C ASP A 406 9.05 3.53 -2.63
N MET A 407 8.78 3.15 -3.87
CA MET A 407 7.85 2.07 -4.16
C MET A 407 8.51 1.00 -5.01
N ILE A 408 8.56 -0.22 -4.49
CA ILE A 408 9.22 -1.32 -5.17
C ILE A 408 8.20 -2.39 -5.58
N GLY A 409 7.63 -2.21 -6.76
CA GLY A 409 6.63 -3.12 -7.27
C GLY A 409 6.54 -3.09 -8.78
N VAL A 410 6.07 -4.21 -9.34
CA VAL A 410 5.81 -4.29 -10.77
C VAL A 410 4.57 -3.52 -11.19
N ASN A 411 4.66 -2.87 -12.36
CA ASN A 411 3.52 -2.24 -13.02
C ASN A 411 2.96 -3.09 -14.17
N THR A 412 3.78 -4.00 -14.67
CA THR A 412 3.30 -4.97 -15.65
C THR A 412 3.91 -6.34 -15.38
N LEU A 413 3.10 -7.38 -15.55
CA LEU A 413 3.65 -8.72 -15.62
C LEU A 413 3.14 -9.38 -16.89
N HIS A 414 4.05 -9.87 -17.72
CA HIS A 414 3.64 -10.74 -18.81
C HIS A 414 3.96 -12.17 -18.46
N LEU A 415 2.96 -13.04 -18.51
CA LEU A 415 3.15 -14.44 -18.11
C LEU A 415 2.69 -15.43 -19.19
N ARG A 416 3.48 -16.47 -19.41
CA ARG A 416 3.12 -17.52 -20.36
C ARG A 416 2.25 -18.57 -19.69
N THR A 417 1.13 -18.91 -20.32
CA THR A 417 0.30 -20.00 -19.83
C THR A 417 1.17 -21.24 -19.97
N SER A 418 1.92 -21.30 -21.06
CA SER A 418 2.81 -22.42 -21.32
C SER A 418 2.21 -23.73 -20.83
#